data_3SXR
#
_entry.id   3SXR
#
_cell.length_a   58.680
_cell.length_b   67.130
_cell.length_c   169.290
_cell.angle_alpha   90.00
_cell.angle_beta   90.00
_cell.angle_gamma   90.00
#
_symmetry.space_group_name_H-M   'P 21 21 21'
#
loop_
_entity.id
_entity.type
_entity.pdbx_description
1 polymer 'Cytoplasmic tyrosine-protein kinase BMX'
2 non-polymer N-(2-CHLORO-6-METHYLPHENYL)-2-({6-[4-(2-HYDROXYETHYL)PIPERAZIN-1-YL]-2-METHYLPYRIMIDIN-4-YL}AMINO)-1,3-THIAZOLE-5-CARBOXAMIDE
3 non-polymer 'SULFATE ION'
4 water water
#
_entity_poly.entity_id   1
_entity_poly.type   'polypeptide(L)'
_entity_poly.pdbx_seq_one_letter_code
;GHMELKREEITLLKELGSGQFGVVKLGKWKGQYDVAVKMIKEGSMSEDEFFQEAQTMMKLSHPKLVKFYGVCSKEYPIYI
VTEYISNGCLLNYLRSHGKGLEPSQLLEMCYDVCEGMAFLESHQFIHRDLAARNCLVDRDLCVKVSDFGMTRYVLDDQYV
SSVGTKFPVKWSAPEVFHYFKYSSKSDVWAFGILMWEVFSLGKMPYDLYTNSEVVLKVSQGHRLYRPHLASDTIYQIMYS
CWHELPEKRPTFQQLLSSIEPLREKDKH
;
_entity_poly.pdbx_strand_id   A,B
#
# COMPACT_ATOMS: atom_id res chain seq x y z
N GLY A 1 -18.71 -4.80 2.92
CA GLY A 1 -17.38 -5.41 2.81
C GLY A 1 -17.14 -6.60 3.71
N HIS A 2 -16.01 -7.31 3.50
CA HIS A 2 -15.65 -8.46 4.35
C HIS A 2 -14.15 -8.71 4.67
N MET A 3 -13.67 -8.05 5.73
CA MET A 3 -12.31 -8.15 6.28
C MET A 3 -12.37 -8.09 7.83
N GLU A 4 -13.37 -7.41 8.39
CA GLU A 4 -13.52 -7.25 9.83
C GLU A 4 -14.24 -8.43 10.50
N LEU A 5 -13.61 -8.99 11.54
CA LEU A 5 -14.15 -10.13 12.28
C LEU A 5 -14.63 -9.66 13.64
N LYS A 6 -15.53 -10.43 14.27
CA LYS A 6 -16.08 -10.14 15.60
C LYS A 6 -15.07 -10.67 16.60
N ARG A 7 -14.38 -9.75 17.28
CA ARG A 7 -13.33 -10.03 18.26
C ARG A 7 -13.73 -11.02 19.37
N GLU A 8 -14.98 -10.97 19.84
CA GLU A 8 -15.56 -11.85 20.87
C GLU A 8 -15.67 -13.33 20.42
N GLU A 9 -15.68 -13.57 19.10
CA GLU A 9 -15.74 -14.90 18.48
C GLU A 9 -14.35 -15.57 18.37
N ILE A 10 -13.30 -14.88 18.88
CA ILE A 10 -11.92 -15.38 18.89
C ILE A 10 -11.43 -15.61 20.31
N THR A 11 -11.13 -16.85 20.66
CA THR A 11 -10.57 -17.18 21.97
C THR A 11 -9.07 -17.39 21.78
N LEU A 12 -8.24 -16.66 22.53
CA LEU A 12 -6.79 -16.77 22.45
C LEU A 12 -6.33 -17.89 23.35
N LEU A 13 -5.53 -18.82 22.81
CA LEU A 13 -5.13 -19.99 23.58
C LEU A 13 -3.70 -20.03 24.07
N LYS A 14 -2.71 -19.89 23.17
CA LYS A 14 -1.29 -19.95 23.50
C LYS A 14 -0.44 -19.19 22.52
N GLU A 15 0.69 -18.64 23.00
CA GLU A 15 1.68 -17.92 22.19
C GLU A 15 2.34 -18.97 21.26
N LEU A 16 2.45 -18.64 19.98
CA LEU A 16 3.09 -19.50 18.98
C LEU A 16 4.50 -19.00 18.70
N GLY A 17 4.62 -17.71 18.50
CA GLY A 17 5.89 -17.03 18.23
C GLY A 17 5.87 -15.57 18.64
N SER A 18 7.02 -14.88 18.45
CA SER A 18 7.20 -13.46 18.80
C SER A 18 7.89 -12.68 17.68
N VAL A 23 4.43 -10.93 18.31
CA VAL A 23 3.66 -11.94 19.03
C VAL A 23 2.54 -12.51 18.18
N VAL A 24 2.59 -13.83 17.94
CA VAL A 24 1.56 -14.60 17.23
C VAL A 24 0.97 -15.58 18.25
N LYS A 25 -0.36 -15.69 18.29
CA LYS A 25 -1.04 -16.58 19.22
C LYS A 25 -1.91 -17.56 18.50
N LEU A 26 -2.10 -18.74 19.10
CA LEU A 26 -3.05 -19.75 18.60
C LEU A 26 -4.42 -19.39 19.17
N GLY A 27 -5.45 -19.56 18.36
CA GLY A 27 -6.81 -19.26 18.79
C GLY A 27 -7.88 -20.15 18.19
N LYS A 28 -9.11 -20.03 18.75
CA LYS A 28 -10.31 -20.71 18.27
C LYS A 28 -11.25 -19.63 17.84
N TRP A 29 -11.75 -19.77 16.65
CA TRP A 29 -12.67 -18.86 16.04
C TRP A 29 -14.00 -19.59 15.93
N LYS A 30 -15.03 -19.03 16.60
CA LYS A 30 -16.43 -19.53 16.61
C LYS A 30 -16.56 -20.97 17.19
N GLY A 31 -15.62 -21.35 18.05
CA GLY A 31 -15.54 -22.66 18.68
C GLY A 31 -15.29 -23.81 17.74
N GLN A 32 -14.96 -23.50 16.47
CA GLN A 32 -14.77 -24.50 15.43
C GLN A 32 -13.43 -24.42 14.72
N TYR A 33 -12.95 -23.20 14.44
CA TYR A 33 -11.77 -23.05 13.61
C TYR A 33 -10.50 -22.68 14.34
N ASP A 34 -9.41 -23.39 14.05
CA ASP A 34 -8.10 -23.07 14.60
C ASP A 34 -7.58 -21.89 13.80
N VAL A 35 -7.10 -20.85 14.50
CA VAL A 35 -6.58 -19.66 13.87
C VAL A 35 -5.25 -19.26 14.48
N ALA A 36 -4.46 -18.50 13.70
CA ALA A 36 -3.24 -17.89 14.20
C ALA A 36 -3.60 -16.42 14.24
N VAL A 37 -3.23 -15.71 15.29
CA VAL A 37 -3.58 -14.31 15.51
C VAL A 37 -2.33 -13.48 15.80
N LYS A 38 -1.98 -12.58 14.87
CA LYS A 38 -0.81 -11.70 15.02
C LYS A 38 -1.28 -10.43 15.74
N MET A 39 -0.57 -10.10 16.84
CA MET A 39 -0.87 -8.91 17.64
C MET A 39 -0.07 -7.74 17.12
N ILE A 40 -0.76 -6.66 16.72
CA ILE A 40 -0.14 -5.42 16.26
C ILE A 40 -0.32 -4.38 17.38
N LYS A 41 0.78 -4.01 18.06
CA LYS A 41 0.69 -2.99 19.12
C LYS A 41 0.75 -1.59 18.52
N GLU A 42 0.16 -0.61 19.23
CA GLU A 42 0.13 0.79 18.79
C GLU A 42 1.56 1.34 18.66
N GLY A 43 1.90 1.77 17.44
CA GLY A 43 3.22 2.28 17.14
C GLY A 43 4.14 1.30 16.44
N SER A 44 3.83 -0.03 16.48
CA SER A 44 4.66 -1.04 15.81
C SER A 44 4.68 -0.82 14.29
N MET A 45 3.52 -0.37 13.74
CA MET A 45 3.36 0.01 12.33
C MET A 45 2.23 1.01 12.23
N SER A 46 2.19 1.78 11.12
CA SER A 46 1.14 2.75 10.91
C SER A 46 -0.15 1.98 10.57
N GLU A 47 -1.29 2.56 10.95
CA GLU A 47 -2.61 1.99 10.68
C GLU A 47 -2.88 1.95 9.16
N ASP A 48 -2.38 2.97 8.41
CA ASP A 48 -2.48 3.01 6.95
C ASP A 48 -1.71 1.83 6.33
N GLU A 49 -0.47 1.57 6.81
CA GLU A 49 0.37 0.47 6.33
C GLU A 49 -0.27 -0.89 6.63
N PHE A 50 -0.80 -1.05 7.84
CA PHE A 50 -1.52 -2.23 8.29
C PHE A 50 -2.72 -2.54 7.37
N PHE A 51 -3.57 -1.53 7.11
CA PHE A 51 -4.75 -1.68 6.23
C PHE A 51 -4.34 -2.14 4.81
N GLN A 52 -3.30 -1.51 4.23
CA GLN A 52 -2.82 -1.82 2.87
C GLN A 52 -2.28 -3.25 2.81
N GLU A 53 -1.50 -3.60 3.83
CA GLU A 53 -0.89 -4.91 3.97
C GLU A 53 -1.93 -6.03 4.14
N ALA A 54 -3.01 -5.76 4.91
CA ALA A 54 -4.11 -6.71 5.11
C ALA A 54 -4.90 -6.91 3.80
N GLN A 55 -5.21 -5.82 3.08
CA GLN A 55 -5.94 -5.82 1.82
C GLN A 55 -5.17 -6.61 0.72
N THR A 56 -3.84 -6.44 0.67
CA THR A 56 -2.97 -7.14 -0.27
C THR A 56 -2.94 -8.65 0.03
N MET A 57 -2.74 -9.02 1.31
CA MET A 57 -2.70 -10.42 1.73
C MET A 57 -4.02 -11.13 1.39
N MET A 58 -5.17 -10.45 1.64
CA MET A 58 -6.52 -10.91 1.34
C MET A 58 -6.64 -11.20 -0.17
N LYS A 59 -6.20 -10.26 -1.03
CA LYS A 59 -6.24 -10.32 -2.50
C LYS A 59 -5.40 -11.45 -3.10
N LEU A 60 -4.19 -11.68 -2.51
CA LEU A 60 -3.26 -12.72 -2.95
C LEU A 60 -3.57 -14.02 -2.26
N SER A 61 -4.80 -14.52 -2.46
CA SER A 61 -5.30 -15.76 -1.90
C SER A 61 -5.02 -16.89 -2.87
N HIS A 62 -4.36 -17.92 -2.37
CA HIS A 62 -3.91 -19.08 -3.17
C HIS A 62 -3.64 -20.24 -2.20
N PRO A 63 -3.93 -21.51 -2.58
CA PRO A 63 -3.66 -22.64 -1.67
C PRO A 63 -2.22 -22.77 -1.13
N LYS A 64 -1.23 -22.20 -1.82
CA LYS A 64 0.17 -22.29 -1.38
C LYS A 64 0.66 -21.03 -0.68
N LEU A 65 -0.28 -20.10 -0.41
CA LEU A 65 0.01 -18.88 0.33
C LEU A 65 -0.81 -18.95 1.61
N VAL A 66 -0.29 -18.39 2.69
CA VAL A 66 -0.99 -18.37 3.98
C VAL A 66 -2.37 -17.67 3.81
N LYS A 67 -3.45 -18.40 4.15
CA LYS A 67 -4.84 -17.93 4.05
C LYS A 67 -5.20 -16.90 5.13
N PHE A 68 -5.41 -15.68 4.69
CA PHE A 68 -5.85 -14.58 5.50
C PHE A 68 -7.37 -14.74 5.78
N TYR A 69 -7.78 -14.66 7.07
CA TYR A 69 -9.20 -14.76 7.45
C TYR A 69 -9.80 -13.36 7.64
N GLY A 70 -9.12 -12.50 8.36
CA GLY A 70 -9.58 -11.15 8.61
C GLY A 70 -8.80 -10.43 9.67
N VAL A 71 -9.31 -9.29 10.10
CA VAL A 71 -8.68 -8.44 11.13
C VAL A 71 -9.68 -8.05 12.22
N CYS A 72 -9.17 -7.59 13.36
CA CYS A 72 -9.93 -7.05 14.47
C CYS A 72 -9.16 -5.77 14.75
N SER A 73 -9.70 -4.65 14.21
CA SER A 73 -9.06 -3.32 14.22
C SER A 73 -9.79 -2.21 14.98
N LYS A 74 -10.84 -2.54 15.74
CA LYS A 74 -11.64 -1.57 16.51
C LYS A 74 -10.96 -1.11 17.82
N GLU A 75 -9.89 -1.80 18.25
CA GLU A 75 -9.13 -1.50 19.47
C GLU A 75 -7.79 -2.22 19.42
N TYR A 76 -6.85 -1.78 20.25
CA TYR A 76 -5.54 -2.37 20.36
C TYR A 76 -5.50 -3.50 21.41
N PRO A 77 -4.67 -4.55 21.25
CA PRO A 77 -3.81 -4.82 20.08
C PRO A 77 -4.68 -5.13 18.86
N ILE A 78 -4.22 -4.72 17.67
CA ILE A 78 -4.96 -5.03 16.46
C ILE A 78 -4.65 -6.50 16.10
N TYR A 79 -5.66 -7.27 15.68
CA TYR A 79 -5.50 -8.67 15.29
C TYR A 79 -5.44 -8.78 13.78
N ILE A 80 -4.56 -9.64 13.28
CA ILE A 80 -4.49 -10.09 11.90
C ILE A 80 -4.72 -11.58 12.09
N VAL A 81 -5.81 -12.11 11.51
CA VAL A 81 -6.18 -13.49 11.68
C VAL A 81 -5.97 -14.28 10.42
N THR A 82 -5.29 -15.42 10.55
CA THR A 82 -5.07 -16.34 9.43
C THR A 82 -5.45 -17.75 9.85
N GLU A 83 -5.35 -18.68 8.89
CA GLU A 83 -5.50 -20.12 9.14
C GLU A 83 -4.37 -20.54 10.09
N TYR A 84 -4.58 -21.63 10.85
CA TYR A 84 -3.50 -22.13 11.70
C TYR A 84 -2.81 -23.27 10.98
N ILE A 85 -1.52 -23.13 10.73
CA ILE A 85 -0.72 -24.13 10.03
C ILE A 85 0.04 -24.90 11.09
N SER A 86 -0.39 -26.18 11.30
CA SER A 86 0.04 -27.09 12.37
C SER A 86 1.52 -27.39 12.61
N ASN A 87 2.31 -27.54 11.56
CA ASN A 87 3.72 -27.88 11.75
C ASN A 87 4.71 -26.73 11.92
N GLY A 88 4.17 -25.52 11.98
CA GLY A 88 4.99 -24.34 12.18
C GLY A 88 5.95 -24.01 11.06
N CYS A 89 6.97 -23.25 11.42
CA CYS A 89 8.04 -22.73 10.58
C CYS A 89 8.82 -23.85 9.88
N LEU A 90 8.99 -23.71 8.55
CA LEU A 90 9.74 -24.65 7.73
C LEU A 90 11.21 -24.81 8.20
N LEU A 91 11.88 -23.70 8.58
CA LEU A 91 13.27 -23.73 9.03
C LEU A 91 13.44 -24.63 10.26
N ASN A 92 12.62 -24.40 11.30
CA ASN A 92 12.60 -25.24 12.51
C ASN A 92 12.25 -26.70 12.17
N TYR A 93 11.28 -26.92 11.27
CA TYR A 93 10.89 -28.26 10.85
C TYR A 93 12.05 -29.03 10.21
N LEU A 94 12.73 -28.39 9.26
CA LEU A 94 13.91 -28.98 8.59
C LEU A 94 14.96 -29.38 9.64
N ARG A 95 15.30 -28.47 10.54
CA ARG A 95 16.27 -28.69 11.61
C ARG A 95 15.89 -29.77 12.63
N SER A 96 14.60 -29.91 12.97
CA SER A 96 14.12 -30.88 13.95
C SER A 96 13.84 -32.23 13.36
N HIS A 97 13.20 -32.27 12.20
CA HIS A 97 12.73 -33.52 11.62
C HIS A 97 13.22 -33.86 10.25
N GLY A 98 13.96 -32.94 9.62
CA GLY A 98 14.44 -33.11 8.23
C GLY A 98 15.11 -34.42 7.90
N LYS A 99 16.00 -34.86 8.79
CA LYS A 99 16.78 -36.10 8.65
C LYS A 99 15.93 -37.35 8.28
N GLY A 100 14.70 -37.40 8.80
CA GLY A 100 13.76 -38.50 8.57
C GLY A 100 13.03 -38.44 7.26
N LEU A 101 13.04 -37.26 6.61
CA LEU A 101 12.31 -37.10 5.35
C LEU A 101 12.94 -37.76 4.16
N GLU A 102 12.11 -38.17 3.20
CA GLU A 102 12.53 -38.70 1.90
C GLU A 102 12.94 -37.49 0.99
N PRO A 103 13.94 -37.65 0.09
CA PRO A 103 14.32 -36.52 -0.79
C PRO A 103 13.19 -36.04 -1.70
N SER A 104 12.22 -36.91 -1.99
CA SER A 104 11.05 -36.61 -2.81
C SER A 104 10.11 -35.67 -2.03
N GLN A 105 10.07 -35.79 -0.68
CA GLN A 105 9.28 -34.92 0.19
C GLN A 105 9.90 -33.51 0.23
N LEU A 106 11.26 -33.42 0.26
CA LEU A 106 12.02 -32.15 0.21
C LEU A 106 11.76 -31.45 -1.12
N LEU A 107 11.74 -32.21 -2.21
CA LEU A 107 11.44 -31.67 -3.53
C LEU A 107 10.00 -31.13 -3.61
N GLU A 108 9.08 -31.86 -2.97
CA GLU A 108 7.66 -31.49 -2.84
C GLU A 108 7.52 -30.17 -2.09
N MET A 109 8.36 -29.95 -1.03
CA MET A 109 8.36 -28.67 -0.30
C MET A 109 8.73 -27.50 -1.23
N CYS A 110 9.72 -27.71 -2.11
CA CYS A 110 10.20 -26.74 -3.10
C CYS A 110 9.14 -26.43 -4.14
N TYR A 111 8.40 -27.47 -4.56
CA TYR A 111 7.31 -27.36 -5.51
C TYR A 111 6.17 -26.51 -4.94
N ASP A 112 5.82 -26.70 -3.66
CA ASP A 112 4.77 -25.94 -3.00
C ASP A 112 5.09 -24.46 -3.01
N VAL A 113 6.33 -24.13 -2.62
CA VAL A 113 6.81 -22.75 -2.61
C VAL A 113 6.74 -22.18 -4.03
N CYS A 114 7.29 -22.91 -5.02
CA CYS A 114 7.31 -22.51 -6.42
C CYS A 114 5.88 -22.26 -6.95
N GLU A 115 4.91 -23.06 -6.52
CA GLU A 115 3.53 -22.91 -6.95
C GLU A 115 2.92 -21.58 -6.44
N GLY A 116 3.11 -21.29 -5.15
CA GLY A 116 2.68 -20.05 -4.51
C GLY A 116 3.34 -18.84 -5.14
N MET A 117 4.62 -18.99 -5.53
CA MET A 117 5.45 -17.97 -6.14
C MET A 117 5.08 -17.67 -7.59
N ALA A 118 4.71 -18.71 -8.35
CA ALA A 118 4.23 -18.58 -9.73
C ALA A 118 2.90 -17.77 -9.71
N PHE A 119 2.11 -17.92 -8.60
CA PHE A 119 0.85 -17.17 -8.44
C PHE A 119 1.13 -15.70 -8.25
N LEU A 120 2.07 -15.34 -7.36
CA LEU A 120 2.48 -13.96 -7.10
C LEU A 120 3.06 -13.37 -8.37
N GLU A 121 3.88 -14.14 -9.09
CA GLU A 121 4.48 -13.71 -10.35
C GLU A 121 3.40 -13.41 -11.40
N SER A 122 2.31 -14.22 -11.44
CA SER A 122 1.19 -14.00 -12.37
C SER A 122 0.46 -12.66 -12.13
N HIS A 123 0.59 -12.09 -10.91
CA HIS A 123 0.00 -10.80 -10.57
C HIS A 123 1.04 -9.68 -10.57
N GLN A 124 2.29 -10.00 -11.03
CA GLN A 124 3.42 -9.05 -11.11
C GLN A 124 3.87 -8.56 -9.72
N PHE A 125 3.82 -9.47 -8.75
CA PHE A 125 4.31 -9.23 -7.40
C PHE A 125 5.53 -10.08 -7.21
N ILE A 126 6.47 -9.59 -6.40
CA ILE A 126 7.64 -10.34 -5.98
C ILE A 126 7.51 -10.46 -4.45
N HIS A 127 8.18 -11.49 -3.88
CA HIS A 127 8.32 -11.64 -2.44
C HIS A 127 9.72 -11.08 -2.16
N ARG A 128 9.81 -10.09 -1.26
CA ARG A 128 11.12 -9.44 -0.95
C ARG A 128 12.00 -10.22 0.01
N ASP A 129 11.48 -11.32 0.62
CA ASP A 129 12.24 -12.12 1.58
C ASP A 129 11.90 -13.62 1.51
N LEU A 130 11.96 -14.20 0.30
CA LEU A 130 11.62 -15.61 0.11
C LEU A 130 12.68 -16.53 0.77
N ALA A 131 12.38 -17.00 1.97
CA ALA A 131 13.27 -17.83 2.77
C ALA A 131 12.48 -18.80 3.60
N ALA A 132 13.12 -19.90 4.05
CA ALA A 132 12.47 -20.92 4.91
C ALA A 132 11.79 -20.29 6.13
N ARG A 133 12.39 -19.26 6.74
CA ARG A 133 11.85 -18.51 7.88
C ARG A 133 10.44 -17.91 7.62
N ASN A 134 10.06 -17.72 6.34
CA ASN A 134 8.77 -17.13 5.97
C ASN A 134 7.79 -18.15 5.41
N CYS A 135 8.11 -19.44 5.57
CA CYS A 135 7.32 -20.57 5.13
C CYS A 135 6.79 -21.36 6.30
N LEU A 136 5.60 -21.92 6.14
CA LEU A 136 4.94 -22.70 7.19
C LEU A 136 4.58 -24.07 6.64
N VAL A 137 4.64 -25.11 7.50
CA VAL A 137 4.42 -26.50 7.13
C VAL A 137 3.09 -27.00 7.71
N ASP A 138 2.22 -27.56 6.86
CA ASP A 138 0.96 -28.10 7.38
C ASP A 138 1.13 -29.56 7.88
N ARG A 139 0.01 -30.19 8.31
CA ARG A 139 -0.06 -31.58 8.83
C ARG A 139 0.52 -32.60 7.82
N ASP A 140 0.29 -32.39 6.52
CA ASP A 140 0.70 -33.27 5.41
C ASP A 140 2.08 -32.94 4.82
N LEU A 141 2.82 -32.01 5.47
CA LEU A 141 4.14 -31.52 5.07
C LEU A 141 4.07 -30.60 3.84
N CYS A 142 2.88 -30.08 3.56
CA CYS A 142 2.71 -29.12 2.50
C CYS A 142 3.16 -27.75 2.95
N VAL A 143 3.86 -27.04 2.05
CA VAL A 143 4.40 -25.74 2.42
C VAL A 143 3.54 -24.60 1.94
N LYS A 144 3.40 -23.59 2.80
CA LYS A 144 2.69 -22.36 2.51
C LYS A 144 3.63 -21.18 2.76
N VAL A 145 3.64 -20.22 1.84
CA VAL A 145 4.47 -19.02 1.95
C VAL A 145 3.66 -17.89 2.60
N SER A 146 4.29 -17.16 3.54
CA SER A 146 3.71 -15.96 4.15
C SER A 146 4.21 -14.73 3.35
N ASP A 147 3.29 -13.97 2.80
CA ASP A 147 3.54 -12.80 1.96
C ASP A 147 3.30 -11.50 2.73
N PHE A 148 2.75 -11.58 3.94
CA PHE A 148 2.39 -10.44 4.77
C PHE A 148 3.48 -9.41 4.98
N GLY A 149 3.23 -8.21 4.44
CA GLY A 149 4.17 -7.09 4.46
C GLY A 149 5.48 -7.35 3.73
N MET A 150 5.51 -8.34 2.83
CA MET A 150 6.75 -8.71 2.15
C MET A 150 6.75 -8.63 0.66
N THR A 151 5.60 -8.36 0.07
CA THR A 151 5.48 -8.27 -1.36
C THR A 151 5.76 -6.85 -1.88
N ARG A 152 6.07 -6.78 -3.18
CA ARG A 152 6.25 -5.54 -3.89
C ARG A 152 5.82 -5.77 -5.33
N TYR A 153 5.06 -4.80 -5.89
CA TYR A 153 4.58 -4.82 -7.26
C TYR A 153 5.72 -4.41 -8.19
N VAL A 154 6.05 -5.26 -9.17
CA VAL A 154 7.08 -4.96 -10.16
C VAL A 154 6.73 -5.55 -11.51
N LEU A 155 6.66 -4.68 -12.53
CA LEU A 155 6.29 -5.07 -13.89
C LEU A 155 7.30 -6.04 -14.45
N ASP A 156 6.85 -7.03 -15.25
CA ASP A 156 7.77 -8.05 -15.79
C ASP A 156 8.97 -7.43 -16.47
N ASP A 157 10.16 -7.96 -16.16
CA ASP A 157 11.41 -7.52 -16.78
C ASP A 157 11.79 -6.07 -16.45
N GLN A 158 11.23 -5.53 -15.37
CA GLN A 158 11.55 -4.18 -14.95
C GLN A 158 12.28 -4.17 -13.60
N TYR A 159 12.73 -3.00 -13.19
CA TYR A 159 13.39 -2.76 -11.92
C TYR A 159 12.61 -1.70 -11.18
N VAL A 160 12.63 -1.76 -9.85
CA VAL A 160 12.01 -0.75 -8.99
C VAL A 160 13.02 -0.50 -7.90
N SER A 161 12.92 0.63 -7.21
CA SER A 161 13.77 0.93 -6.08
C SER A 161 13.57 -0.11 -4.94
N SER A 162 14.66 -0.41 -4.17
CA SER A 162 14.69 -1.31 -2.99
C SER A 162 14.21 -0.56 -1.72
N VAL A 163 13.98 0.77 -1.82
CA VAL A 163 13.54 1.58 -0.68
C VAL A 163 12.38 0.91 0.07
N GLY A 164 12.63 0.70 1.34
CA GLY A 164 11.73 -0.01 2.22
C GLY A 164 12.53 -0.81 3.21
N THR A 165 11.89 -1.80 3.83
CA THR A 165 12.49 -2.71 4.79
C THR A 165 13.66 -3.42 4.14
N LYS A 166 14.81 -3.50 4.84
CA LYS A 166 15.99 -4.20 4.30
C LYS A 166 15.96 -5.62 4.85
N PHE A 167 15.88 -6.59 3.95
CA PHE A 167 15.81 -8.00 4.30
C PHE A 167 17.19 -8.68 4.29
N PRO A 168 17.38 -9.85 4.97
CA PRO A 168 18.74 -10.46 5.02
C PRO A 168 19.44 -10.57 3.66
N VAL A 169 20.68 -10.05 3.57
CA VAL A 169 21.43 -10.00 2.33
C VAL A 169 21.82 -11.38 1.72
N LYS A 170 21.91 -12.42 2.57
CA LYS A 170 22.28 -13.77 2.13
C LYS A 170 21.21 -14.43 1.25
N TRP A 171 19.99 -13.83 1.19
CA TRP A 171 18.90 -14.30 0.35
C TRP A 171 18.63 -13.31 -0.79
N SER A 172 19.40 -12.22 -0.85
CA SER A 172 19.19 -11.18 -1.84
C SER A 172 19.91 -11.34 -3.14
N ALA A 173 19.18 -11.08 -4.19
CA ALA A 173 19.65 -11.01 -5.57
C ALA A 173 20.69 -9.86 -5.65
N PRO A 174 21.74 -10.01 -6.48
CA PRO A 174 22.78 -8.95 -6.57
C PRO A 174 22.26 -7.53 -6.85
N GLU A 175 21.28 -7.37 -7.77
CA GLU A 175 20.73 -6.03 -8.08
C GLU A 175 20.30 -5.28 -6.80
N VAL A 176 19.85 -6.05 -5.78
CA VAL A 176 19.37 -5.51 -4.50
C VAL A 176 20.52 -4.79 -3.77
N PHE A 177 21.67 -5.47 -3.52
CA PHE A 177 22.81 -4.87 -2.82
C PHE A 177 23.79 -4.06 -3.70
N HIS A 178 23.82 -4.34 -5.03
CA HIS A 178 24.66 -3.58 -5.97
C HIS A 178 24.05 -2.25 -6.37
N TYR A 179 22.80 -2.29 -6.88
CA TYR A 179 22.06 -1.17 -7.47
C TYR A 179 20.91 -0.59 -6.69
N PHE A 180 20.61 -1.14 -5.50
CA PHE A 180 19.49 -0.70 -4.65
C PHE A 180 18.19 -0.77 -5.42
N LYS A 181 18.02 -1.86 -6.17
CA LYS A 181 16.84 -2.12 -6.98
C LYS A 181 16.40 -3.56 -6.84
N TYR A 182 15.11 -3.81 -7.08
CA TYR A 182 14.58 -5.17 -7.19
C TYR A 182 14.28 -5.35 -8.66
N SER A 183 14.36 -6.57 -9.16
CA SER A 183 13.90 -6.88 -10.52
C SER A 183 12.71 -7.82 -10.35
N SER A 184 11.99 -8.10 -11.41
CA SER A 184 10.89 -9.06 -11.37
C SER A 184 11.39 -10.50 -11.06
N LYS A 185 12.74 -10.72 -11.03
CA LYS A 185 13.41 -12.02 -10.81
C LYS A 185 14.27 -12.05 -9.52
N SER A 186 14.17 -11.01 -8.66
CA SER A 186 14.95 -10.94 -7.40
C SER A 186 14.58 -12.10 -6.48
N ASP A 187 13.33 -12.42 -6.57
CA ASP A 187 12.44 -13.45 -6.06
C ASP A 187 13.01 -14.84 -6.39
N VAL A 188 13.32 -15.06 -7.69
CA VAL A 188 13.86 -16.29 -8.26
C VAL A 188 15.22 -16.63 -7.61
N TRP A 189 16.11 -15.64 -7.45
CA TRP A 189 17.41 -15.81 -6.76
C TRP A 189 17.16 -16.39 -5.34
N ALA A 190 16.30 -15.74 -4.55
CA ALA A 190 15.96 -16.19 -3.20
C ALA A 190 15.37 -17.60 -3.18
N PHE A 191 14.60 -17.97 -4.23
CA PHE A 191 14.02 -19.31 -4.35
C PHE A 191 15.11 -20.40 -4.40
N GLY A 192 16.23 -20.10 -5.09
CA GLY A 192 17.38 -21.00 -5.14
C GLY A 192 17.99 -21.19 -3.75
N ILE A 193 18.12 -20.08 -2.99
CA ILE A 193 18.64 -20.13 -1.60
C ILE A 193 17.70 -20.97 -0.70
N LEU A 194 16.37 -20.77 -0.86
CA LEU A 194 15.34 -21.53 -0.15
C LEU A 194 15.50 -23.02 -0.48
N MET A 195 15.69 -23.37 -1.75
CA MET A 195 15.91 -24.75 -2.19
C MET A 195 17.14 -25.34 -1.52
N TRP A 196 18.22 -24.54 -1.43
CA TRP A 196 19.46 -24.93 -0.77
C TRP A 196 19.20 -25.19 0.75
N GLU A 197 18.37 -24.33 1.41
CA GLU A 197 18.01 -24.51 2.82
C GLU A 197 17.24 -25.82 3.01
N VAL A 198 16.34 -26.14 2.06
CA VAL A 198 15.52 -27.33 2.11
C VAL A 198 16.43 -28.59 2.00
N PHE A 199 17.22 -28.68 0.93
CA PHE A 199 18.12 -29.79 0.70
C PHE A 199 19.27 -29.96 1.67
N SER A 200 19.63 -28.89 2.44
CA SER A 200 20.69 -28.93 3.45
C SER A 200 20.09 -29.14 4.85
N LEU A 201 18.74 -29.29 4.88
CA LEU A 201 17.93 -29.47 6.07
C LEU A 201 18.06 -28.33 7.06
N GLY A 202 18.04 -27.11 6.52
CA GLY A 202 18.03 -25.91 7.33
C GLY A 202 19.34 -25.32 7.80
N LYS A 203 20.45 -25.63 7.09
CA LYS A 203 21.77 -25.05 7.39
C LYS A 203 21.74 -23.58 6.99
N MET A 204 22.60 -22.78 7.63
CA MET A 204 22.70 -21.35 7.34
C MET A 204 23.50 -21.17 6.04
N PRO A 205 22.95 -20.50 5.00
CA PRO A 205 23.73 -20.31 3.75
C PRO A 205 24.94 -19.40 3.99
N TYR A 206 26.09 -19.71 3.35
CA TYR A 206 27.35 -18.97 3.46
C TYR A 206 27.78 -18.85 4.95
N ASP A 207 27.58 -19.94 5.74
CA ASP A 207 27.82 -20.00 7.19
C ASP A 207 29.00 -19.21 7.74
N LEU A 208 30.20 -19.48 7.23
CA LEU A 208 31.44 -18.86 7.70
C LEU A 208 31.68 -17.38 7.32
N TYR A 209 30.80 -16.79 6.48
CA TYR A 209 30.98 -15.45 5.93
C TYR A 209 30.09 -14.39 6.54
N THR A 210 30.55 -13.15 6.49
CA THR A 210 29.80 -12.00 6.95
C THR A 210 28.98 -11.51 5.74
N ASN A 211 28.05 -10.57 5.97
CA ASN A 211 27.24 -9.97 4.90
C ASN A 211 28.11 -9.26 3.85
N SER A 212 29.11 -8.50 4.30
CA SER A 212 30.07 -7.82 3.42
C SER A 212 30.87 -8.82 2.60
N GLU A 213 31.28 -9.95 3.22
CA GLU A 213 32.02 -11.01 2.53
C GLU A 213 31.16 -11.65 1.43
N VAL A 214 29.89 -12.01 1.75
CA VAL A 214 28.94 -12.63 0.82
C VAL A 214 28.74 -11.72 -0.37
N VAL A 215 28.46 -10.42 -0.11
CA VAL A 215 28.22 -9.45 -1.18
C VAL A 215 29.39 -9.47 -2.17
N LEU A 216 30.62 -9.46 -1.64
CA LEU A 216 31.83 -9.50 -2.46
C LEU A 216 32.05 -10.82 -3.19
N LYS A 217 31.95 -11.95 -2.48
CA LYS A 217 32.11 -13.29 -3.08
C LYS A 217 31.08 -13.58 -4.16
N VAL A 218 29.79 -13.19 -3.94
CA VAL A 218 28.71 -13.37 -4.92
C VAL A 218 29.04 -12.55 -6.19
N SER A 219 29.50 -11.30 -6.00
CA SER A 219 29.91 -10.41 -7.11
C SER A 219 31.05 -11.05 -7.93
N GLN A 220 31.91 -11.81 -7.25
CA GLN A 220 33.02 -12.52 -7.86
C GLN A 220 32.67 -13.80 -8.60
N GLY A 221 31.45 -14.31 -8.40
CA GLY A 221 30.96 -15.53 -9.03
C GLY A 221 30.75 -16.71 -8.09
N HIS A 222 31.08 -16.55 -6.81
CA HIS A 222 30.91 -17.60 -5.80
C HIS A 222 29.42 -17.90 -5.57
N ARG A 223 29.09 -19.20 -5.57
CA ARG A 223 27.73 -19.71 -5.36
C ARG A 223 27.73 -20.79 -4.30
N LEU A 224 26.54 -21.10 -3.74
CA LEU A 224 26.42 -22.15 -2.75
C LEU A 224 26.67 -23.52 -3.39
N TYR A 225 27.41 -24.40 -2.66
CA TYR A 225 27.75 -25.79 -3.05
C TYR A 225 26.47 -26.65 -3.04
N ARG A 226 26.48 -27.80 -3.72
CA ARG A 226 25.35 -28.73 -3.74
C ARG A 226 25.20 -29.45 -2.42
N PRO A 227 24.03 -29.34 -1.73
CA PRO A 227 23.81 -30.15 -0.52
C PRO A 227 23.73 -31.63 -0.96
N HIS A 228 24.34 -32.54 -0.16
CA HIS A 228 24.34 -33.97 -0.57
C HIS A 228 23.02 -34.61 -0.90
N LEU A 229 21.89 -34.17 -0.27
CA LEU A 229 20.56 -34.74 -0.57
C LEU A 229 19.96 -34.36 -1.92
N ALA A 230 20.47 -33.30 -2.53
CA ALA A 230 19.98 -32.81 -3.81
C ALA A 230 20.66 -33.52 -4.96
N SER A 231 19.86 -34.05 -5.90
CA SER A 231 20.37 -34.67 -7.12
C SER A 231 21.12 -33.60 -7.97
N ASP A 232 21.87 -34.04 -8.99
CA ASP A 232 22.60 -33.14 -9.88
C ASP A 232 21.60 -32.24 -10.63
N THR A 233 20.46 -32.81 -11.07
CA THR A 233 19.41 -32.11 -11.79
C THR A 233 18.71 -31.03 -10.97
N ILE A 234 18.46 -31.30 -9.69
CA ILE A 234 17.87 -30.37 -8.71
C ILE A 234 18.85 -29.22 -8.43
N TYR A 235 20.15 -29.54 -8.27
CA TYR A 235 21.17 -28.55 -8.04
C TYR A 235 21.27 -27.60 -9.25
N GLN A 236 21.11 -28.15 -10.46
CA GLN A 236 21.14 -27.37 -11.70
C GLN A 236 19.96 -26.41 -11.74
N ILE A 237 18.81 -26.83 -11.22
CA ILE A 237 17.63 -25.98 -11.10
C ILE A 237 17.93 -24.85 -10.09
N MET A 238 18.51 -25.19 -8.91
CA MET A 238 18.80 -24.11 -7.97
C MET A 238 19.85 -23.15 -8.46
N TYR A 239 20.85 -23.65 -9.19
CA TYR A 239 21.95 -22.87 -9.75
C TYR A 239 21.47 -21.85 -10.77
N SER A 240 20.56 -22.28 -11.65
CA SER A 240 19.95 -21.45 -12.71
C SER A 240 19.27 -20.18 -12.12
N CYS A 241 18.81 -20.25 -10.84
CA CYS A 241 18.20 -19.14 -10.08
C CYS A 241 19.25 -18.10 -9.75
N TRP A 242 20.53 -18.50 -9.68
CA TRP A 242 21.59 -17.59 -9.26
C TRP A 242 22.35 -16.88 -10.36
N HIS A 243 21.77 -16.73 -11.54
CA HIS A 243 22.46 -15.98 -12.58
C HIS A 243 22.52 -14.52 -12.14
N GLU A 244 23.68 -13.87 -12.33
CA GLU A 244 23.88 -12.47 -11.98
C GLU A 244 22.86 -11.56 -12.68
N LEU A 245 22.56 -11.83 -13.97
CA LEU A 245 21.60 -11.06 -14.76
C LEU A 245 20.19 -11.59 -14.56
N PRO A 246 19.25 -10.75 -14.08
CA PRO A 246 17.86 -11.21 -13.89
C PRO A 246 17.23 -11.81 -15.16
N GLU A 247 17.55 -11.24 -16.34
CA GLU A 247 17.02 -11.67 -17.64
C GLU A 247 17.40 -13.11 -18.00
N LYS A 248 18.53 -13.59 -17.45
CA LYS A 248 19.06 -14.93 -17.63
C LYS A 248 18.51 -15.95 -16.61
N ARG A 249 17.79 -15.49 -15.55
CA ARG A 249 17.19 -16.36 -14.55
C ARG A 249 15.85 -16.88 -15.10
N PRO A 250 15.37 -18.11 -14.73
CA PRO A 250 14.04 -18.54 -15.19
C PRO A 250 12.89 -17.82 -14.47
N THR A 251 11.65 -18.01 -14.94
CA THR A 251 10.47 -17.47 -14.25
C THR A 251 10.02 -18.60 -13.33
N PHE A 252 9.10 -18.29 -12.39
CA PHE A 252 8.54 -19.33 -11.53
C PHE A 252 7.69 -20.31 -12.35
N GLN A 253 7.08 -19.85 -13.49
CA GLN A 253 6.35 -20.74 -14.42
C GLN A 253 7.34 -21.75 -15.05
N GLN A 254 8.53 -21.28 -15.50
CA GLN A 254 9.57 -22.19 -16.04
C GLN A 254 10.10 -23.14 -14.97
N LEU A 255 10.32 -22.63 -13.75
CA LEU A 255 10.81 -23.45 -12.64
C LEU A 255 9.82 -24.54 -12.29
N LEU A 256 8.53 -24.21 -12.31
CA LEU A 256 7.44 -25.16 -12.04
C LEU A 256 7.50 -26.31 -13.08
N SER A 257 7.62 -25.97 -14.38
CA SER A 257 7.70 -26.98 -15.42
C SER A 257 9.00 -27.83 -15.38
N SER A 258 10.09 -27.28 -14.78
CA SER A 258 11.35 -28.00 -14.58
C SER A 258 11.25 -28.96 -13.41
N ILE A 259 10.61 -28.53 -12.31
CA ILE A 259 10.46 -29.33 -11.08
C ILE A 259 9.49 -30.49 -11.27
N GLU A 260 8.41 -30.27 -12.03
CA GLU A 260 7.32 -31.23 -12.31
C GLU A 260 7.75 -32.67 -12.74
N PRO A 261 8.60 -32.87 -13.78
CA PRO A 261 9.00 -34.26 -14.15
C PRO A 261 9.66 -35.03 -13.03
N LEU A 262 10.40 -34.33 -12.16
CA LEU A 262 11.15 -34.91 -11.04
C LEU A 262 10.23 -35.41 -9.94
N ARG A 263 8.93 -35.44 -10.23
CA ARG A 263 7.79 -35.85 -9.41
C ARG A 263 7.45 -34.55 -8.70
N GLU A 264 6.64 -33.70 -9.36
CA GLU A 264 6.22 -32.37 -8.92
C GLU A 264 7.39 -31.48 -8.57
N GLY B 1 12.25 1.89 -12.40
CA GLY B 1 12.20 2.14 -13.84
C GLY B 1 12.21 3.62 -14.16
N HIS B 2 11.20 4.38 -13.64
CA HIS B 2 11.09 5.81 -13.92
C HIS B 2 10.55 6.74 -12.79
N MET B 3 10.62 6.28 -11.55
CA MET B 3 10.18 7.08 -10.40
C MET B 3 11.38 7.85 -9.78
N GLU B 4 12.59 7.31 -9.93
CA GLU B 4 13.80 7.89 -9.35
C GLU B 4 14.39 9.00 -10.22
N LEU B 5 14.61 10.17 -9.61
CA LEU B 5 15.17 11.34 -10.28
C LEU B 5 16.61 11.53 -9.79
N LYS B 6 17.43 12.21 -10.60
CA LYS B 6 18.81 12.54 -10.30
C LYS B 6 18.78 13.75 -9.35
N ARG B 7 19.11 13.51 -8.07
CA ARG B 7 19.13 14.50 -6.99
C ARG B 7 19.94 15.77 -7.32
N GLU B 8 21.04 15.63 -8.05
CA GLU B 8 21.95 16.72 -8.48
C GLU B 8 21.28 17.70 -9.47
N GLU B 9 20.21 17.26 -10.16
CA GLU B 9 19.43 18.04 -11.12
C GLU B 9 18.36 18.91 -10.41
N ILE B 10 18.29 18.85 -9.07
CA ILE B 10 17.33 19.62 -8.26
C ILE B 10 18.05 20.64 -7.36
N THR B 11 17.74 21.92 -7.57
CA THR B 11 18.23 23.02 -6.76
C THR B 11 17.09 23.45 -5.85
N LEU B 12 17.31 23.45 -4.54
CA LEU B 12 16.29 23.86 -3.59
C LEU B 12 16.38 25.36 -3.37
N LEU B 13 15.25 26.06 -3.48
CA LEU B 13 15.25 27.50 -3.40
C LEU B 13 14.70 28.14 -2.15
N LYS B 14 13.40 27.97 -1.91
CA LYS B 14 12.66 28.64 -0.86
C LYS B 14 11.79 27.64 -0.11
N GLU B 15 11.53 27.87 1.17
CA GLU B 15 10.59 27.04 1.92
C GLU B 15 9.18 27.50 1.54
N LEU B 16 8.29 26.56 1.17
CA LEU B 16 6.91 26.89 0.78
C LEU B 16 5.96 26.67 1.97
N VAL B 23 7.76 19.83 5.77
CA VAL B 23 8.53 20.83 5.01
C VAL B 23 8.45 20.58 3.50
N VAL B 24 7.89 21.56 2.78
CA VAL B 24 7.82 21.56 1.31
C VAL B 24 8.68 22.75 0.85
N LYS B 25 9.52 22.54 -0.17
CA LYS B 25 10.40 23.57 -0.70
C LYS B 25 10.16 23.79 -2.17
N LEU B 26 10.40 25.03 -2.64
CA LEU B 26 10.35 25.36 -4.06
C LEU B 26 11.73 25.02 -4.63
N GLY B 27 11.75 24.47 -5.84
CA GLY B 27 12.99 24.12 -6.48
C GLY B 27 12.99 24.27 -7.98
N LYS B 28 14.20 24.12 -8.55
CA LYS B 28 14.45 24.15 -9.99
C LYS B 28 15.00 22.83 -10.39
N TRP B 29 14.35 22.18 -11.33
CA TRP B 29 14.76 20.89 -11.85
C TRP B 29 15.34 21.10 -13.24
N LYS B 30 16.64 20.74 -13.43
CA LYS B 30 17.39 20.87 -14.71
C LYS B 30 17.49 22.33 -15.17
N GLY B 31 17.44 23.24 -14.20
CA GLY B 31 17.45 24.69 -14.42
C GLY B 31 16.31 25.17 -15.31
N GLN B 32 15.31 24.31 -15.54
CA GLN B 32 14.17 24.55 -16.43
C GLN B 32 12.80 24.52 -15.75
N TYR B 33 12.55 23.49 -14.92
CA TYR B 33 11.23 23.30 -14.32
C TYR B 33 11.11 23.68 -12.88
N ASP B 34 10.03 24.43 -12.60
CA ASP B 34 9.67 24.79 -11.23
C ASP B 34 9.08 23.54 -10.60
N VAL B 35 9.56 23.19 -9.42
CA VAL B 35 9.09 22.00 -8.72
C VAL B 35 8.82 22.31 -7.27
N ALA B 36 7.97 21.50 -6.65
CA ALA B 36 7.73 21.54 -5.22
C ALA B 36 8.39 20.24 -4.73
N VAL B 37 9.12 20.31 -3.64
CA VAL B 37 9.88 19.18 -3.10
C VAL B 37 9.52 18.96 -1.62
N LYS B 38 8.85 17.82 -1.33
CA LYS B 38 8.48 17.46 0.04
C LYS B 38 9.63 16.68 0.67
N MET B 39 10.08 17.14 1.85
CA MET B 39 11.16 16.50 2.59
C MET B 39 10.60 15.48 3.54
N ILE B 40 11.04 14.21 3.40
CA ILE B 40 10.67 13.12 4.29
C ILE B 40 11.88 12.81 5.18
N LYS B 41 11.79 13.11 6.48
CA LYS B 41 12.91 12.82 7.40
C LYS B 41 12.85 11.35 7.87
N GLU B 42 14.00 10.79 8.23
CA GLU B 42 14.10 9.40 8.71
C GLU B 42 13.27 9.22 10.00
N GLY B 43 12.29 8.33 9.95
CA GLY B 43 11.41 8.07 11.06
C GLY B 43 10.05 8.74 10.96
N SER B 44 9.90 9.77 10.09
CA SER B 44 8.61 10.46 9.92
C SER B 44 7.54 9.49 9.37
N MET B 45 7.97 8.54 8.53
CA MET B 45 7.15 7.46 7.97
C MET B 45 8.04 6.29 7.62
N SER B 46 7.45 5.10 7.50
CA SER B 46 8.20 3.91 7.12
C SER B 46 8.57 4.03 5.64
N GLU B 47 9.72 3.43 5.27
CA GLU B 47 10.20 3.45 3.90
C GLU B 47 9.23 2.65 2.99
N ASP B 48 8.64 1.57 3.53
CA ASP B 48 7.64 0.76 2.83
C ASP B 48 6.40 1.62 2.52
N GLU B 49 5.91 2.39 3.51
CA GLU B 49 4.74 3.28 3.35
C GLU B 49 5.02 4.37 2.32
N PHE B 50 6.20 4.99 2.40
CA PHE B 50 6.68 6.00 1.46
C PHE B 50 6.67 5.47 0.01
N PHE B 51 7.27 4.27 -0.22
CA PHE B 51 7.31 3.65 -1.55
C PHE B 51 5.91 3.41 -2.11
N GLN B 52 5.00 2.87 -1.29
CA GLN B 52 3.62 2.55 -1.70
C GLN B 52 2.87 3.83 -2.05
N GLU B 53 3.02 4.84 -1.18
CA GLU B 53 2.39 6.14 -1.33
C GLU B 53 2.88 6.89 -2.57
N ALA B 54 4.21 6.79 -2.88
CA ALA B 54 4.77 7.42 -4.10
C ALA B 54 4.26 6.74 -5.37
N GLN B 55 4.23 5.38 -5.36
CA GLN B 55 3.77 4.55 -6.47
C GLN B 55 2.29 4.83 -6.82
N THR B 56 1.46 5.00 -5.79
CA THR B 56 0.04 5.33 -5.94
C THR B 56 -0.14 6.73 -6.56
N MET B 57 0.57 7.73 -6.02
CA MET B 57 0.50 9.11 -6.51
C MET B 57 0.89 9.20 -7.97
N MET B 58 1.93 8.43 -8.37
CA MET B 58 2.43 8.29 -9.75
C MET B 58 1.36 7.75 -10.71
N LYS B 59 0.74 6.62 -10.37
CA LYS B 59 -0.28 6.00 -11.23
C LYS B 59 -1.58 6.79 -11.34
N LEU B 60 -1.97 7.55 -10.29
CA LEU B 60 -3.20 8.36 -10.32
C LEU B 60 -2.89 9.73 -10.93
N SER B 61 -2.44 9.71 -12.19
CA SER B 61 -2.06 10.85 -12.98
C SER B 61 -3.29 11.37 -13.74
N HIS B 62 -3.63 12.64 -13.51
CA HIS B 62 -4.78 13.29 -14.11
C HIS B 62 -4.55 14.81 -14.07
N PRO B 63 -5.05 15.58 -15.06
CA PRO B 63 -4.85 17.05 -15.03
C PRO B 63 -5.38 17.78 -13.80
N LYS B 64 -6.35 17.19 -13.08
CA LYS B 64 -6.94 17.85 -11.90
C LYS B 64 -6.39 17.29 -10.60
N LEU B 65 -5.35 16.45 -10.68
CA LEU B 65 -4.66 15.91 -9.52
C LEU B 65 -3.25 16.43 -9.58
N VAL B 66 -2.62 16.66 -8.42
CA VAL B 66 -1.24 17.17 -8.37
C VAL B 66 -0.30 16.19 -9.10
N LYS B 67 0.43 16.71 -10.09
CA LYS B 67 1.34 15.93 -10.95
C LYS B 67 2.63 15.54 -10.23
N PHE B 68 2.76 14.25 -9.99
CA PHE B 68 3.94 13.67 -9.36
C PHE B 68 5.05 13.57 -10.44
N TYR B 69 6.25 14.05 -10.13
CA TYR B 69 7.38 13.98 -11.06
C TYR B 69 8.27 12.76 -10.72
N GLY B 70 8.60 12.60 -9.44
CA GLY B 70 9.43 11.49 -8.98
C GLY B 70 9.92 11.68 -7.57
N VAL B 71 10.87 10.84 -7.17
CA VAL B 71 11.45 10.83 -5.83
C VAL B 71 12.98 10.82 -5.90
N CYS B 72 13.61 11.17 -4.78
CA CYS B 72 15.05 11.10 -4.59
C CYS B 72 15.16 10.41 -3.25
N SER B 73 15.39 9.08 -3.31
CA SER B 73 15.35 8.16 -2.16
C SER B 73 16.67 7.44 -1.79
N LYS B 74 17.80 7.85 -2.39
CA LYS B 74 19.11 7.22 -2.14
C LYS B 74 19.77 7.70 -0.82
N GLU B 75 19.22 8.78 -0.22
CA GLU B 75 19.71 9.35 1.04
C GLU B 75 18.64 10.25 1.64
N TYR B 76 18.78 10.55 2.92
CA TYR B 76 17.88 11.42 3.64
C TYR B 76 18.33 12.90 3.58
N PRO B 77 17.38 13.88 3.59
CA PRO B 77 15.92 13.70 3.57
C PRO B 77 15.49 13.11 2.22
N ILE B 78 14.46 12.28 2.23
CA ILE B 78 13.94 11.72 0.99
C ILE B 78 13.09 12.81 0.33
N TYR B 79 13.21 12.97 -1.00
CA TYR B 79 12.44 13.95 -1.76
C TYR B 79 11.27 13.29 -2.44
N ILE B 80 10.13 13.96 -2.44
CA ILE B 80 8.95 13.63 -3.25
C ILE B 80 8.84 14.90 -4.09
N VAL B 81 8.96 14.77 -5.41
CA VAL B 81 8.94 15.91 -6.31
C VAL B 81 7.67 15.95 -7.11
N THR B 82 7.03 17.12 -7.15
CA THR B 82 5.83 17.34 -7.94
C THR B 82 5.98 18.62 -8.73
N GLU B 83 4.98 18.91 -9.56
CA GLU B 83 4.86 20.18 -10.28
C GLU B 83 4.71 21.30 -9.23
N TYR B 84 5.09 22.54 -9.58
CA TYR B 84 4.92 23.65 -8.67
C TYR B 84 3.65 24.37 -9.05
N ILE B 85 2.69 24.43 -8.12
CA ILE B 85 1.41 25.08 -8.38
C ILE B 85 1.46 26.45 -7.77
N SER B 86 1.53 27.48 -8.64
CA SER B 86 1.79 28.89 -8.32
C SER B 86 0.95 29.63 -7.31
N ASN B 87 -0.37 29.41 -7.28
CA ASN B 87 -1.22 30.15 -6.34
C ASN B 87 -1.41 29.56 -4.95
N GLY B 88 -0.72 28.47 -4.69
CA GLY B 88 -0.78 27.83 -3.38
C GLY B 88 -2.11 27.22 -3.00
N CYS B 89 -2.27 27.06 -1.71
CA CYS B 89 -3.40 26.46 -1.03
C CYS B 89 -4.72 27.17 -1.34
N LEU B 90 -5.76 26.38 -1.75
CA LEU B 90 -7.09 26.89 -2.05
C LEU B 90 -7.71 27.64 -0.87
N LEU B 91 -7.57 27.10 0.36
CA LEU B 91 -8.14 27.71 1.56
C LEU B 91 -7.60 29.14 1.78
N ASN B 92 -6.28 29.32 1.78
CA ASN B 92 -5.62 30.63 1.87
C ASN B 92 -6.04 31.55 0.71
N TYR B 93 -6.13 31.01 -0.53
CA TYR B 93 -6.54 31.78 -1.69
C TYR B 93 -7.95 32.35 -1.53
N LEU B 94 -8.90 31.50 -1.12
CA LEU B 94 -10.29 31.90 -0.89
C LEU B 94 -10.33 33.05 0.13
N ARG B 95 -9.63 32.88 1.27
CA ARG B 95 -9.56 33.86 2.36
C ARG B 95 -8.88 35.18 1.98
N SER B 96 -7.85 35.16 1.12
CA SER B 96 -7.11 36.35 0.72
C SER B 96 -7.70 37.06 -0.46
N HIS B 97 -8.13 36.31 -1.48
CA HIS B 97 -8.58 36.91 -2.74
C HIS B 97 -9.97 36.55 -3.18
N GLY B 98 -10.68 35.70 -2.43
CA GLY B 98 -12.02 35.23 -2.78
C GLY B 98 -13.03 36.32 -3.14
N LYS B 99 -13.06 37.43 -2.40
CA LYS B 99 -13.96 38.58 -2.63
C LYS B 99 -13.89 39.19 -4.05
N GLY B 100 -12.77 39.03 -4.74
CA GLY B 100 -12.58 39.50 -6.11
C GLY B 100 -13.13 38.53 -7.14
N LEU B 101 -13.39 37.28 -6.74
CA LEU B 101 -13.88 36.27 -7.68
C LEU B 101 -15.33 36.36 -8.04
N GLU B 102 -15.64 35.98 -9.29
CA GLU B 102 -17.00 35.86 -9.81
C GLU B 102 -17.58 34.51 -9.33
N PRO B 103 -18.91 34.40 -9.09
CA PRO B 103 -19.48 33.11 -8.65
C PRO B 103 -19.30 31.97 -9.65
N SER B 104 -19.13 32.31 -10.94
CA SER B 104 -18.89 31.33 -12.00
C SER B 104 -17.46 30.75 -11.85
N GLN B 105 -16.52 31.55 -11.35
CA GLN B 105 -15.13 31.11 -11.11
C GLN B 105 -15.09 30.13 -9.92
N LEU B 106 -15.92 30.40 -8.86
CA LEU B 106 -16.06 29.54 -7.68
C LEU B 106 -16.63 28.20 -8.09
N LEU B 107 -17.64 28.22 -9.00
CA LEU B 107 -18.25 27.01 -9.53
C LEU B 107 -17.22 26.20 -10.34
N GLU B 108 -16.37 26.91 -11.12
CA GLU B 108 -15.30 26.33 -11.91
C GLU B 108 -14.28 25.63 -10.99
N MET B 109 -13.98 26.21 -9.80
CA MET B 109 -13.11 25.55 -8.79
C MET B 109 -13.70 24.22 -8.33
N CYS B 110 -15.01 24.16 -8.10
CA CYS B 110 -15.74 22.95 -7.70
C CYS B 110 -15.75 21.91 -8.79
N TYR B 111 -15.86 22.35 -10.05
CA TYR B 111 -15.84 21.50 -11.24
C TYR B 111 -14.47 20.82 -11.35
N ASP B 112 -13.37 21.58 -11.13
CA ASP B 112 -12.01 21.05 -11.19
C ASP B 112 -11.83 19.93 -10.19
N VAL B 113 -12.23 20.16 -8.93
CA VAL B 113 -12.17 19.17 -7.87
C VAL B 113 -13.00 17.93 -8.27
N CYS B 114 -14.24 18.13 -8.68
CA CYS B 114 -15.17 17.08 -9.10
C CYS B 114 -14.59 16.24 -10.26
N GLU B 115 -13.85 16.89 -11.19
CA GLU B 115 -13.24 16.20 -12.31
C GLU B 115 -12.16 15.23 -11.85
N GLY B 116 -11.23 15.67 -11.01
CA GLY B 116 -10.19 14.78 -10.49
C GLY B 116 -10.78 13.69 -9.61
N MET B 117 -11.85 14.03 -8.87
CA MET B 117 -12.54 13.06 -8.01
C MET B 117 -13.26 11.97 -8.79
N ALA B 118 -13.86 12.33 -9.95
CA ALA B 118 -14.53 11.38 -10.84
C ALA B 118 -13.47 10.42 -11.41
N PHE B 119 -12.21 10.91 -11.57
CA PHE B 119 -11.10 10.09 -12.06
C PHE B 119 -10.74 9.05 -11.01
N LEU B 120 -10.57 9.47 -9.74
CA LEU B 120 -10.25 8.57 -8.63
C LEU B 120 -11.37 7.55 -8.48
N GLU B 121 -12.63 8.00 -8.56
CA GLU B 121 -13.79 7.13 -8.45
C GLU B 121 -13.81 6.07 -9.57
N SER B 122 -13.40 6.46 -10.79
CA SER B 122 -13.34 5.53 -11.93
C SER B 122 -12.35 4.37 -11.68
N HIS B 123 -11.36 4.58 -10.78
CA HIS B 123 -10.33 3.58 -10.42
C HIS B 123 -10.63 2.95 -9.07
N GLN B 124 -11.84 3.21 -8.52
CA GLN B 124 -12.30 2.68 -7.23
C GLN B 124 -11.44 3.13 -6.04
N PHE B 125 -10.98 4.38 -6.11
CA PHE B 125 -10.26 5.03 -5.01
C PHE B 125 -11.16 6.13 -4.46
N ILE B 126 -11.03 6.37 -3.16
CA ILE B 126 -11.69 7.47 -2.48
C ILE B 126 -10.57 8.36 -1.93
N HIS B 127 -10.88 9.64 -1.68
CA HIS B 127 -9.97 10.56 -1.02
C HIS B 127 -10.51 10.61 0.41
N ARG B 128 -9.66 10.30 1.41
CA ARG B 128 -10.09 10.26 2.82
C ARG B 128 -10.16 11.62 3.50
N ASP B 129 -9.68 12.70 2.83
CA ASP B 129 -9.72 14.06 3.42
C ASP B 129 -9.95 15.15 2.38
N LEU B 130 -11.01 15.00 1.57
CA LEU B 130 -11.32 15.96 0.52
C LEU B 130 -11.78 17.32 1.12
N ALA B 131 -10.84 18.27 1.19
CA ALA B 131 -11.08 19.58 1.79
C ALA B 131 -10.22 20.62 1.10
N ALA B 132 -10.62 21.91 1.18
CA ALA B 132 -9.87 23.04 0.58
C ALA B 132 -8.37 23.00 0.96
N ARG B 133 -8.04 22.62 2.22
CA ARG B 133 -6.67 22.48 2.74
C ARG B 133 -5.80 21.53 1.90
N ASN B 134 -6.41 20.59 1.15
CA ASN B 134 -5.70 19.59 0.35
C ASN B 134 -5.74 19.89 -1.14
N CYS B 135 -6.17 21.12 -1.49
CA CYS B 135 -6.28 21.61 -2.85
C CYS B 135 -5.29 22.74 -3.12
N LEU B 136 -4.82 22.83 -4.36
CA LEU B 136 -3.87 23.86 -4.79
C LEU B 136 -4.42 24.58 -6.00
N VAL B 137 -4.13 25.89 -6.08
CA VAL B 137 -4.63 26.77 -7.17
C VAL B 137 -3.50 27.14 -8.13
N ASP B 138 -3.70 26.90 -9.43
CA ASP B 138 -2.68 27.29 -10.40
C ASP B 138 -2.82 28.79 -10.83
N ARG B 139 -1.97 29.24 -11.78
CA ARG B 139 -1.92 30.59 -12.33
C ARG B 139 -3.26 31.06 -12.90
N ASP B 140 -4.00 30.14 -13.55
CA ASP B 140 -5.30 30.36 -14.20
C ASP B 140 -6.52 30.14 -13.29
N LEU B 141 -6.28 29.94 -11.97
CA LEU B 141 -7.29 29.67 -10.94
C LEU B 141 -7.88 28.27 -11.04
N CYS B 142 -7.19 27.38 -11.76
CA CYS B 142 -7.60 25.99 -11.85
C CYS B 142 -7.20 25.24 -10.60
N VAL B 143 -8.09 24.38 -10.12
CA VAL B 143 -7.82 23.66 -8.88
C VAL B 143 -7.31 22.25 -9.12
N LYS B 144 -6.31 21.87 -8.32
CA LYS B 144 -5.72 20.54 -8.33
C LYS B 144 -5.81 19.95 -6.93
N VAL B 145 -6.22 18.68 -6.84
CA VAL B 145 -6.33 17.96 -5.57
C VAL B 145 -5.03 17.17 -5.31
N SER B 146 -4.47 17.24 -4.10
CA SER B 146 -3.33 16.43 -3.72
C SER B 146 -3.92 15.20 -3.07
N ASP B 147 -3.58 14.06 -3.66
CA ASP B 147 -4.03 12.74 -3.27
C ASP B 147 -3.02 12.01 -2.37
N PHE B 148 -1.76 12.54 -2.24
CA PHE B 148 -0.65 11.91 -1.51
C PHE B 148 -0.95 11.42 -0.08
N GLY B 149 -0.86 10.10 0.10
CA GLY B 149 -1.12 9.44 1.38
C GLY B 149 -2.55 9.60 1.90
N MET B 150 -3.48 9.95 1.02
CA MET B 150 -4.87 10.21 1.44
C MET B 150 -5.92 9.36 0.78
N THR B 151 -5.53 8.56 -0.20
CA THR B 151 -6.45 7.70 -0.90
C THR B 151 -6.62 6.35 -0.21
N ARG B 152 -7.72 5.66 -0.54
CA ARG B 152 -8.01 4.31 -0.11
C ARG B 152 -8.80 3.65 -1.21
N TYR B 153 -8.42 2.39 -1.53
CA TYR B 153 -9.08 1.54 -2.52
C TYR B 153 -10.36 0.97 -1.90
N VAL B 154 -11.50 1.31 -2.53
CA VAL B 154 -12.81 0.89 -2.07
C VAL B 154 -13.62 0.47 -3.28
N LEU B 155 -14.02 -0.81 -3.32
CA LEU B 155 -14.85 -1.36 -4.40
C LEU B 155 -16.22 -0.65 -4.35
N ASP B 156 -16.88 -0.53 -5.50
CA ASP B 156 -18.19 0.13 -5.52
C ASP B 156 -19.17 -0.67 -4.70
N ASP B 157 -20.02 0.03 -3.91
CA ASP B 157 -21.04 -0.60 -3.07
C ASP B 157 -20.44 -1.46 -1.93
N GLN B 158 -19.18 -1.17 -1.58
CA GLN B 158 -18.47 -1.80 -0.49
C GLN B 158 -18.18 -0.75 0.60
N TYR B 159 -18.02 -1.23 1.83
CA TYR B 159 -17.55 -0.51 2.97
C TYR B 159 -16.22 -1.17 3.33
N VAL B 160 -15.31 -0.39 3.88
CA VAL B 160 -14.01 -0.89 4.37
C VAL B 160 -13.83 -0.22 5.71
N SER B 161 -12.99 -0.77 6.56
CA SER B 161 -12.69 -0.17 7.84
C SER B 161 -12.01 1.21 7.67
N SER B 162 -12.27 2.15 8.62
CA SER B 162 -11.68 3.50 8.68
C SER B 162 -10.26 3.46 9.33
N VAL B 163 -9.83 2.28 9.81
CA VAL B 163 -8.50 2.08 10.42
C VAL B 163 -7.42 2.71 9.53
N GLY B 164 -6.70 3.61 10.15
CA GLY B 164 -5.67 4.41 9.47
C GLY B 164 -5.66 5.78 10.09
N THR B 165 -5.08 6.73 9.37
CA THR B 165 -4.98 8.13 9.79
C THR B 165 -6.37 8.66 10.01
N LYS B 166 -6.57 9.38 11.10
CA LYS B 166 -7.87 9.96 11.40
C LYS B 166 -7.85 11.38 10.85
N PHE B 167 -8.83 11.70 10.00
CA PHE B 167 -8.96 13.02 9.37
C PHE B 167 -10.04 13.92 10.05
N PRO B 168 -9.99 15.26 9.92
CA PRO B 168 -10.98 16.12 10.62
C PRO B 168 -12.44 15.69 10.45
N VAL B 169 -13.15 15.53 11.57
CA VAL B 169 -14.54 15.04 11.60
C VAL B 169 -15.58 15.94 10.88
N LYS B 170 -15.33 17.25 10.79
CA LYS B 170 -16.25 18.19 10.14
C LYS B 170 -16.36 17.99 8.63
N TRP B 171 -15.47 17.14 8.04
CA TRP B 171 -15.49 16.80 6.62
C TRP B 171 -15.88 15.32 6.44
N SER B 172 -16.17 14.61 7.55
CA SER B 172 -16.47 13.19 7.51
C SER B 172 -17.95 12.78 7.41
N ALA B 173 -18.26 11.73 6.65
CA ALA B 173 -19.62 11.20 6.51
C ALA B 173 -20.01 10.39 7.76
N PRO B 174 -21.32 10.20 8.07
CA PRO B 174 -21.70 9.43 9.27
C PRO B 174 -21.14 8.00 9.36
N GLU B 175 -21.03 7.26 8.23
CA GLU B 175 -20.45 5.90 8.28
C GLU B 175 -19.00 5.90 8.84
N VAL B 176 -18.27 7.04 8.70
CA VAL B 176 -16.87 7.22 9.21
C VAL B 176 -16.89 7.57 10.71
N PHE B 177 -17.59 8.65 11.11
CA PHE B 177 -17.65 9.02 12.52
C PHE B 177 -18.44 8.07 13.42
N HIS B 178 -19.40 7.36 12.86
CA HIS B 178 -20.26 6.46 13.63
C HIS B 178 -19.98 4.97 13.43
N TYR B 179 -19.86 4.51 12.19
CA TYR B 179 -19.68 3.08 11.97
C TYR B 179 -18.23 2.66 11.82
N PHE B 180 -17.30 3.66 11.80
CA PHE B 180 -15.86 3.48 11.63
C PHE B 180 -15.57 2.74 10.34
N LYS B 181 -16.30 3.13 9.28
CA LYS B 181 -16.15 2.56 7.95
C LYS B 181 -16.12 3.68 6.92
N TYR B 182 -15.54 3.41 5.77
CA TYR B 182 -15.61 4.29 4.61
C TYR B 182 -16.51 3.57 3.62
N SER B 183 -17.24 4.30 2.81
CA SER B 183 -18.02 3.74 1.70
C SER B 183 -17.39 4.37 0.45
N SER B 184 -17.76 3.91 -0.75
CA SER B 184 -17.31 4.53 -2.00
C SER B 184 -17.91 5.96 -2.20
N LYS B 185 -18.73 6.41 -1.24
CA LYS B 185 -19.37 7.73 -1.27
C LYS B 185 -19.01 8.62 -0.06
N SER B 186 -18.03 8.20 0.78
CA SER B 186 -17.61 8.99 1.95
C SER B 186 -17.00 10.34 1.50
N ASP B 187 -16.35 10.23 0.36
CA ASP B 187 -15.69 11.11 -0.57
C ASP B 187 -16.68 12.23 -1.01
N VAL B 188 -17.87 11.80 -1.47
CA VAL B 188 -18.97 12.64 -1.98
C VAL B 188 -19.45 13.59 -0.86
N TRP B 189 -19.64 13.07 0.37
CA TRP B 189 -20.01 13.90 1.53
C TRP B 189 -18.99 15.06 1.69
N ALA B 190 -17.68 14.73 1.75
CA ALA B 190 -16.61 15.73 1.90
C ALA B 190 -16.60 16.74 0.74
N PHE B 191 -16.97 16.29 -0.48
CA PHE B 191 -17.06 17.19 -1.63
C PHE B 191 -18.09 18.32 -1.42
N GLY B 192 -19.22 18.00 -0.79
CA GLY B 192 -20.25 18.99 -0.43
C GLY B 192 -19.70 20.01 0.55
N ILE B 193 -18.91 19.55 1.55
CA ILE B 193 -18.28 20.44 2.53
C ILE B 193 -17.26 21.38 1.84
N LEU B 194 -16.47 20.80 0.90
CA LEU B 194 -15.49 21.54 0.10
C LEU B 194 -16.24 22.61 -0.72
N MET B 195 -17.38 22.27 -1.33
CA MET B 195 -18.21 23.21 -2.11
C MET B 195 -18.66 24.36 -1.22
N TRP B 196 -19.09 24.03 0.00
CA TRP B 196 -19.50 25.00 1.01
C TRP B 196 -18.32 25.94 1.37
N GLU B 197 -17.09 25.39 1.53
CA GLU B 197 -15.87 26.20 1.81
C GLU B 197 -15.59 27.16 0.66
N VAL B 198 -15.79 26.70 -0.59
CA VAL B 198 -15.56 27.51 -1.78
C VAL B 198 -16.55 28.68 -1.84
N PHE B 199 -17.85 28.37 -1.79
CA PHE B 199 -18.93 29.38 -1.81
C PHE B 199 -19.00 30.30 -0.61
N SER B 200 -18.39 29.94 0.52
CA SER B 200 -18.36 30.78 1.73
C SER B 200 -17.00 31.54 1.81
N LEU B 201 -16.15 31.34 0.77
CA LEU B 201 -14.82 31.93 0.60
C LEU B 201 -13.88 31.57 1.72
N GLY B 202 -13.92 30.29 2.11
CA GLY B 202 -12.99 29.75 3.10
C GLY B 202 -13.35 29.82 4.55
N LYS B 203 -14.62 30.01 4.89
CA LYS B 203 -15.12 29.99 6.28
C LYS B 203 -14.97 28.59 6.84
N MET B 204 -14.86 28.48 8.15
CA MET B 204 -14.75 27.19 8.82
C MET B 204 -16.16 26.57 8.91
N PRO B 205 -16.40 25.34 8.39
CA PRO B 205 -17.74 24.74 8.49
C PRO B 205 -18.10 24.45 9.95
N TYR B 206 -19.38 24.65 10.31
CA TYR B 206 -19.92 24.44 11.67
C TYR B 206 -19.15 25.30 12.67
N ASP B 207 -18.91 26.55 12.21
CA ASP B 207 -18.27 27.72 12.82
C ASP B 207 -17.81 27.49 14.26
N LEU B 208 -18.70 27.63 15.24
CA LEU B 208 -18.28 27.46 16.62
C LEU B 208 -18.73 26.20 17.36
N TYR B 209 -19.29 25.22 16.63
CA TYR B 209 -19.55 23.92 17.23
C TYR B 209 -18.25 23.14 17.40
N THR B 210 -18.23 22.25 18.38
CA THR B 210 -17.12 21.35 18.65
C THR B 210 -17.34 20.10 17.77
N ASN B 211 -16.35 19.21 17.69
CA ASN B 211 -16.43 17.95 16.95
C ASN B 211 -17.55 17.06 17.48
N SER B 212 -17.67 16.96 18.82
CA SER B 212 -18.74 16.20 19.46
C SER B 212 -20.12 16.79 19.14
N GLU B 213 -20.24 18.13 19.14
CA GLU B 213 -21.48 18.80 18.79
C GLU B 213 -21.90 18.51 17.33
N VAL B 214 -20.95 18.66 16.38
CA VAL B 214 -21.17 18.39 14.95
C VAL B 214 -21.65 16.97 14.76
N VAL B 215 -20.93 15.99 15.33
CA VAL B 215 -21.27 14.59 15.20
C VAL B 215 -22.73 14.38 15.61
N LEU B 216 -23.16 14.96 16.75
CA LEU B 216 -24.52 14.85 17.22
C LEU B 216 -25.55 15.56 16.34
N LYS B 217 -25.31 16.82 15.99
CA LYS B 217 -26.21 17.59 15.13
C LYS B 217 -26.39 16.97 13.75
N VAL B 218 -25.28 16.50 13.12
CA VAL B 218 -25.33 15.84 11.81
C VAL B 218 -26.18 14.56 11.91
N SER B 219 -26.00 13.78 12.99
CA SER B 219 -26.74 12.54 13.25
C SER B 219 -28.22 12.84 13.35
N GLN B 220 -28.58 14.02 13.87
CA GLN B 220 -29.94 14.46 14.03
C GLN B 220 -30.60 14.98 12.74
N GLY B 221 -29.81 15.25 11.70
CA GLY B 221 -30.29 15.79 10.43
C GLY B 221 -29.82 17.19 10.08
N HIS B 222 -29.15 17.89 11.01
CA HIS B 222 -28.64 19.25 10.78
C HIS B 222 -27.57 19.25 9.66
N ARG B 223 -27.66 20.22 8.75
CA ARG B 223 -26.72 20.39 7.63
C ARG B 223 -26.26 21.84 7.54
N LEU B 224 -25.18 22.10 6.79
CA LEU B 224 -24.67 23.44 6.60
C LEU B 224 -25.67 24.25 5.77
N TYR B 225 -25.87 25.53 6.17
CA TYR B 225 -26.74 26.52 5.53
C TYR B 225 -26.13 26.88 4.14
N ARG B 226 -26.94 27.47 3.24
CA ARG B 226 -26.50 27.94 1.94
C ARG B 226 -25.62 29.17 2.06
N PRO B 227 -24.35 29.15 1.59
CA PRO B 227 -23.56 30.39 1.57
C PRO B 227 -24.21 31.36 0.57
N HIS B 228 -24.27 32.64 0.90
CA HIS B 228 -24.94 33.63 0.02
C HIS B 228 -24.53 33.64 -1.44
N LEU B 229 -23.24 33.30 -1.77
CA LEU B 229 -22.74 33.29 -3.16
C LEU B 229 -23.23 32.14 -4.01
N ALA B 230 -23.73 31.09 -3.37
CA ALA B 230 -24.20 29.91 -4.06
C ALA B 230 -25.67 30.03 -4.45
N SER B 231 -25.98 29.77 -5.72
CA SER B 231 -27.35 29.76 -6.21
C SER B 231 -28.15 28.61 -5.52
N ASP B 232 -29.46 28.57 -5.71
CA ASP B 232 -30.28 27.50 -5.15
C ASP B 232 -30.00 26.14 -5.80
N THR B 233 -29.65 26.14 -7.10
CA THR B 233 -29.29 24.93 -7.86
C THR B 233 -27.97 24.34 -7.34
N ILE B 234 -26.99 25.19 -7.03
CA ILE B 234 -25.67 24.81 -6.54
C ILE B 234 -25.80 24.25 -5.12
N TYR B 235 -26.60 24.93 -4.29
CA TYR B 235 -26.84 24.49 -2.92
C TYR B 235 -27.50 23.11 -2.90
N GLN B 236 -28.40 22.85 -3.86
CA GLN B 236 -29.10 21.58 -4.01
C GLN B 236 -28.09 20.49 -4.38
N ILE B 237 -27.08 20.83 -5.20
CA ILE B 237 -26.01 19.91 -5.54
C ILE B 237 -25.19 19.61 -4.28
N MET B 238 -24.79 20.64 -3.51
CA MET B 238 -24.02 20.35 -2.31
C MET B 238 -24.79 19.56 -1.27
N TYR B 239 -26.10 19.83 -1.14
CA TYR B 239 -26.98 19.17 -0.19
C TYR B 239 -27.14 17.67 -0.47
N SER B 240 -27.28 17.32 -1.75
CA SER B 240 -27.42 15.95 -2.24
C SER B 240 -26.22 15.08 -1.81
N CYS B 241 -25.03 15.71 -1.58
CA CYS B 241 -23.80 15.06 -1.12
C CYS B 241 -23.95 14.64 0.33
N TRP B 242 -24.83 15.32 1.08
CA TRP B 242 -24.96 15.06 2.50
C TRP B 242 -26.05 14.12 2.92
N HIS B 243 -26.48 13.21 2.03
CA HIS B 243 -27.50 12.25 2.42
C HIS B 243 -26.86 11.32 3.40
N GLU B 244 -27.57 10.99 4.47
CA GLU B 244 -27.14 10.09 5.53
C GLU B 244 -26.73 8.73 4.94
N LEU B 245 -27.51 8.21 3.98
CA LEU B 245 -27.26 6.91 3.34
C LEU B 245 -26.30 7.07 2.17
N PRO B 246 -25.12 6.40 2.16
CA PRO B 246 -24.21 6.53 1.00
C PRO B 246 -24.86 6.17 -0.33
N GLU B 247 -25.75 5.14 -0.34
CA GLU B 247 -26.46 4.67 -1.53
C GLU B 247 -27.34 5.73 -2.19
N LYS B 248 -27.81 6.70 -1.38
CA LYS B 248 -28.63 7.85 -1.82
C LYS B 248 -27.84 9.06 -2.26
N ARG B 249 -26.49 9.07 -2.04
CA ARG B 249 -25.62 10.17 -2.46
C ARG B 249 -25.29 9.97 -3.94
N PRO B 250 -25.07 11.04 -4.73
CA PRO B 250 -24.69 10.82 -6.15
C PRO B 250 -23.23 10.34 -6.28
N THR B 251 -22.83 9.91 -7.49
CA THR B 251 -21.43 9.58 -7.76
C THR B 251 -20.79 10.86 -8.22
N PHE B 252 -19.44 10.90 -8.31
CA PHE B 252 -18.75 12.05 -8.87
C PHE B 252 -19.05 12.22 -10.37
N GLN B 253 -19.35 11.09 -11.10
CA GLN B 253 -19.80 11.14 -12.50
C GLN B 253 -21.15 11.87 -12.59
N GLN B 254 -22.12 11.56 -11.67
CA GLN B 254 -23.42 12.27 -11.63
C GLN B 254 -23.24 13.74 -11.25
N LEU B 255 -22.36 14.01 -10.27
CA LEU B 255 -22.11 15.37 -9.85
C LEU B 255 -21.51 16.21 -10.98
N LEU B 256 -20.60 15.62 -11.74
CA LEU B 256 -19.96 16.26 -12.90
C LEU B 256 -21.04 16.63 -13.93
N SER B 257 -21.96 15.69 -14.26
CA SER B 257 -23.04 15.98 -15.20
C SER B 257 -24.05 17.02 -14.69
N SER B 258 -24.16 17.19 -13.37
CA SER B 258 -25.03 18.21 -12.74
C SER B 258 -24.36 19.56 -12.78
N ILE B 259 -23.02 19.58 -12.66
CA ILE B 259 -22.21 20.80 -12.66
C ILE B 259 -21.89 21.32 -14.06
N GLU B 260 -21.67 20.38 -15.05
CA GLU B 260 -21.36 20.66 -16.46
C GLU B 260 -22.28 21.75 -17.05
N PRO B 261 -23.65 21.65 -16.94
CA PRO B 261 -24.50 22.70 -17.54
C PRO B 261 -24.50 24.06 -16.85
N LEU B 262 -23.85 24.19 -15.69
CA LEU B 262 -23.82 25.43 -14.94
C LEU B 262 -22.54 26.20 -15.19
N ARG B 263 -21.58 25.51 -15.80
CA ARG B 263 -20.25 25.86 -16.34
C ARG B 263 -19.09 24.95 -15.90
N GLU B 264 -18.61 24.17 -16.85
CA GLU B 264 -17.52 23.20 -16.77
C GLU B 264 -16.19 23.87 -17.12
#